data_6YZE
#
_entry.id   6YZE
#
_cell.length_a   40.633
_cell.length_b   54.604
_cell.length_c   134.519
_cell.angle_alpha   90.000
_cell.angle_beta   90.000
_cell.angle_gamma   90.000
#
_symmetry.space_group_name_H-M   'P 21 21 21'
#
loop_
_entity.id
_entity.type
_entity.pdbx_description
1 polymer 'Zinc metalloproteinase'
2 non-polymer 'ZINC ION'
3 water water
#
_entity_poly.entity_id   1
_entity_poly.type   'polypeptide(L)'
_entity_poly.pdbx_seq_one_letter_code
;EKVQAKGMGFGGNRKIGEYQFGKDLPLLEITRDSSVEMCFMENTDVKVVDMGHKYYSNNKPMQFTCKETPDTQSTKTYYT
GYSADGYDRDNGAASPTNDALYAGYVIKHMYHDWYGVEALTKSDGSPMQLVMRVHYGQGYENAYWDGKQMTFGDGDTMMY
PLVSLGVGGHEVSHGFTEQHSGLEYFGQSGGMNESFSDMAAQAAEYYSVGKNSWQIGPEIMKEDSGYDALRYMDKPSRDG
MSIDVADDYYGGLDVHYSSGVYNHLFYILANQPNWNLRMAFDVMVKANMDYWTPYSTFDEGGCGMLSAAKDLGYNLDDIK
KSLSEVTINYQSCYVD
;
_entity_poly.pdbx_strand_id   A
#
loop_
_chem_comp.id
_chem_comp.type
_chem_comp.name
_chem_comp.formula
ZN non-polymer 'ZINC ION' 'Zn 2'
#
# COMPACT_ATOMS: atom_id res chain seq x y z
N GLU A 1 17.50 -24.50 9.45
CA GLU A 1 17.01 -25.22 8.28
C GLU A 1 15.56 -24.84 7.98
N LYS A 2 15.29 -23.55 7.97
CA LYS A 2 13.97 -23.06 7.58
C LYS A 2 13.85 -23.16 6.06
N VAL A 3 12.84 -23.89 5.60
CA VAL A 3 12.62 -24.15 4.18
C VAL A 3 11.26 -23.60 3.76
N GLN A 4 11.13 -23.34 2.46
CA GLN A 4 9.85 -23.00 1.83
C GLN A 4 8.73 -23.92 2.30
N ALA A 5 7.54 -23.35 2.49
CA ALA A 5 6.33 -24.11 2.76
C ALA A 5 5.14 -23.23 2.40
N LYS A 6 3.97 -23.85 2.24
CA LYS A 6 2.79 -23.14 1.76
C LYS A 6 1.77 -22.99 2.88
N GLY A 7 1.43 -21.75 3.20
CA GLY A 7 0.52 -21.45 4.30
C GLY A 7 -0.92 -21.28 3.84
N MET A 8 -1.83 -21.92 4.57
CA MET A 8 -3.25 -21.83 4.27
C MET A 8 -3.97 -21.21 5.46
N GLY A 9 -4.83 -20.24 5.20
CA GLY A 9 -5.51 -19.54 6.27
C GLY A 9 -6.53 -18.56 5.72
N PHE A 10 -7.14 -17.82 6.64
CA PHE A 10 -8.24 -16.92 6.32
C PHE A 10 -7.81 -15.46 6.49
N GLY A 11 -8.59 -14.56 5.88
CA GLY A 11 -8.36 -13.14 5.99
C GLY A 11 -9.65 -12.33 5.93
N GLY A 12 -9.54 -11.02 5.79
CA GLY A 12 -10.72 -10.19 5.66
C GLY A 12 -11.32 -9.79 6.98
N ASN A 13 -12.52 -9.22 6.90
CA ASN A 13 -13.21 -8.71 8.08
C ASN A 13 -14.71 -8.85 7.88
N ARG A 14 -15.46 -8.49 8.90
CA ARG A 14 -16.90 -8.70 8.85
C ARG A 14 -17.56 -7.84 7.78
N LYS A 15 -16.91 -6.78 7.34
CA LYS A 15 -17.51 -5.89 6.35
C LYS A 15 -17.23 -6.37 4.93
N ILE A 16 -15.95 -6.39 4.52
CA ILE A 16 -15.63 -6.87 3.19
C ILE A 16 -15.75 -8.38 3.09
N GLY A 17 -16.02 -9.05 4.20
CA GLY A 17 -16.16 -10.48 4.22
C GLY A 17 -14.84 -11.16 4.51
N GLU A 18 -14.94 -12.48 4.68
CA GLU A 18 -13.83 -13.32 5.09
C GLU A 18 -13.54 -14.32 3.98
N TYR A 19 -12.27 -14.44 3.61
CA TYR A 19 -11.86 -15.25 2.48
C TYR A 19 -10.69 -16.13 2.90
N GLN A 20 -10.41 -17.16 2.10
CA GLN A 20 -9.45 -18.19 2.45
C GLN A 20 -8.23 -18.11 1.53
N PHE A 21 -7.04 -17.99 2.12
CA PHE A 21 -5.83 -18.10 1.32
C PHE A 21 -5.59 -19.56 0.94
N GLY A 22 -5.32 -19.79 -0.34
CA GLY A 22 -5.31 -21.16 -0.86
C GLY A 22 -6.60 -21.59 -1.50
N LYS A 23 -7.56 -20.67 -1.68
CA LYS A 23 -8.83 -20.89 -2.37
C LYS A 23 -9.24 -19.60 -3.06
N ASP A 24 -9.62 -18.59 -2.26
CA ASP A 24 -10.04 -17.30 -2.81
C ASP A 24 -8.85 -16.46 -3.25
N LEU A 25 -7.69 -16.68 -2.64
CA LEU A 25 -6.50 -15.88 -2.89
C LEU A 25 -5.30 -16.80 -2.79
N PRO A 26 -4.13 -16.37 -3.27
CA PRO A 26 -2.99 -17.30 -3.35
C PRO A 26 -2.58 -17.84 -1.98
N LEU A 27 -1.90 -18.97 -2.02
CA LEU A 27 -1.32 -19.50 -0.79
C LEU A 27 -0.31 -18.49 -0.25
N LEU A 28 -0.09 -18.54 1.06
CA LEU A 28 0.90 -17.68 1.70
C LEU A 28 2.28 -18.33 1.65
N GLU A 29 3.29 -17.50 1.49
CA GLU A 29 4.69 -17.95 1.47
C GLU A 29 5.18 -17.88 2.91
N ILE A 30 5.28 -19.04 3.56
CA ILE A 30 5.79 -19.13 4.92
C ILE A 30 7.13 -19.85 4.87
N THR A 31 7.79 -19.98 6.01
CA THR A 31 8.95 -20.84 6.17
C THR A 31 8.67 -21.85 7.26
N ARG A 32 9.31 -23.03 7.15
CA ARG A 32 9.09 -24.14 8.08
C ARG A 32 10.41 -24.77 8.48
N ASP A 33 10.54 -25.04 9.76
CA ASP A 33 11.68 -25.75 10.33
C ASP A 33 11.17 -27.13 10.69
N SER A 34 11.36 -28.08 9.77
CA SER A 34 10.77 -29.40 9.94
C SER A 34 11.21 -30.03 11.26
N SER A 35 12.52 -30.04 11.52
CA SER A 35 13.05 -30.74 12.70
C SER A 35 12.33 -30.39 13.98
N VAL A 36 11.65 -29.24 14.04
CA VAL A 36 10.79 -28.90 15.17
C VAL A 36 9.34 -28.75 14.77
N GLU A 37 9.03 -28.91 13.48
CA GLU A 37 7.67 -28.76 13.01
C GLU A 37 7.07 -27.41 13.45
N MET A 38 7.93 -26.39 13.49
CA MET A 38 7.51 -25.01 13.72
C MET A 38 7.53 -24.24 12.40
N CYS A 39 6.57 -23.35 12.22
CA CYS A 39 6.53 -22.50 11.03
C CYS A 39 6.62 -21.03 11.41
N PHE A 40 6.82 -20.20 10.39
CA PHE A 40 7.21 -18.81 10.57
C PHE A 40 6.55 -17.97 9.49
N MET A 41 5.93 -16.86 9.90
CA MET A 41 5.27 -15.97 8.96
C MET A 41 6.30 -15.03 8.35
N GLU A 42 7.22 -15.64 7.60
CA GLU A 42 8.39 -14.95 7.08
C GLU A 42 8.85 -15.61 5.79
N ASN A 43 9.15 -14.79 4.78
CA ASN A 43 9.83 -15.24 3.59
C ASN A 43 10.88 -14.20 3.25
N THR A 44 11.71 -14.52 2.26
CA THR A 44 12.76 -13.63 1.80
C THR A 44 12.33 -12.17 1.75
N ASP A 45 11.12 -11.93 1.27
CA ASP A 45 10.72 -10.55 0.99
C ASP A 45 9.87 -9.90 2.07
N VAL A 46 9.28 -10.66 2.98
CA VAL A 46 8.30 -10.15 3.93
C VAL A 46 8.46 -10.86 5.27
N LYS A 47 8.56 -10.09 6.36
CA LYS A 47 8.45 -10.65 7.70
C LYS A 47 7.22 -10.03 8.36
N VAL A 48 6.31 -10.89 8.82
CA VAL A 48 5.16 -10.48 9.62
C VAL A 48 5.50 -10.71 11.09
N VAL A 49 5.27 -9.68 11.91
CA VAL A 49 5.56 -9.73 13.34
C VAL A 49 4.27 -9.45 14.10
N ASP A 50 4.02 -10.26 15.13
CA ASP A 50 2.82 -10.16 15.93
C ASP A 50 3.16 -9.39 17.21
N MET A 51 2.71 -8.14 17.29
CA MET A 51 3.02 -7.32 18.44
C MET A 51 2.22 -7.71 19.67
N GLY A 52 1.15 -8.49 19.49
CA GLY A 52 0.38 -8.99 20.62
C GLY A 52 -0.16 -7.91 21.54
N HIS A 53 -0.41 -6.71 20.99
CA HIS A 53 -0.97 -5.50 21.63
C HIS A 53 0.08 -4.78 22.46
N LYS A 54 1.33 -5.23 22.38
CA LYS A 54 2.44 -4.47 22.93
C LYS A 54 2.74 -3.27 22.03
N TYR A 55 3.66 -2.43 22.49
CA TYR A 55 4.13 -1.28 21.73
C TYR A 55 5.58 -1.40 21.28
N TYR A 56 6.34 -2.34 21.85
CA TYR A 56 7.71 -2.57 21.44
C TYR A 56 7.95 -4.07 21.38
N SER A 57 8.87 -4.46 20.50
CA SER A 57 9.17 -5.87 20.25
C SER A 57 10.58 -5.96 19.70
N ASN A 58 11.02 -7.19 19.42
CA ASN A 58 12.31 -7.41 18.78
C ASN A 58 12.16 -7.87 17.32
N ASN A 59 10.96 -7.78 16.75
CA ASN A 59 10.72 -8.14 15.34
C ASN A 59 11.16 -9.56 15.03
N LYS A 60 11.01 -10.46 15.99
CA LYS A 60 11.10 -11.86 15.62
C LYS A 60 9.79 -12.31 14.97
N PRO A 61 9.88 -13.08 13.90
CA PRO A 61 8.68 -13.38 13.10
C PRO A 61 7.63 -14.14 13.90
N MET A 62 6.39 -13.95 13.51
CA MET A 62 5.31 -14.70 14.11
C MET A 62 5.52 -16.19 13.83
N GLN A 63 5.33 -17.01 14.86
CA GLN A 63 5.83 -18.39 14.89
C GLN A 63 4.71 -19.30 15.36
N PHE A 64 4.31 -20.25 14.53
CA PHE A 64 3.15 -21.06 14.81
C PHE A 64 3.47 -22.53 14.50
N THR A 65 2.88 -23.44 15.27
CA THR A 65 3.15 -24.85 15.09
C THR A 65 2.58 -25.35 13.77
N CYS A 66 3.35 -26.15 13.06
CA CYS A 66 2.83 -26.82 11.86
C CYS A 66 3.34 -28.26 11.92
N LYS A 67 2.68 -29.07 12.74
CA LYS A 67 2.85 -30.53 12.78
C LYS A 67 2.00 -31.12 11.65
N GLU A 68 1.94 -32.45 11.57
CA GLU A 68 1.28 -33.15 10.46
C GLU A 68 -0.10 -33.66 10.86
N SER A 74 6.35 -29.96 -4.02
CA SER A 74 5.60 -30.24 -2.79
C SER A 74 4.28 -29.51 -2.68
N THR A 75 3.15 -30.21 -2.76
CA THR A 75 1.82 -29.61 -2.66
C THR A 75 1.24 -29.67 -1.26
N LYS A 76 2.03 -30.00 -0.24
CA LYS A 76 1.54 -29.98 1.13
C LYS A 76 1.39 -28.54 1.60
N THR A 77 0.32 -28.27 2.33
CA THR A 77 0.12 -26.97 2.93
C THR A 77 -0.27 -27.13 4.40
N TYR A 78 -0.02 -26.07 5.18
CA TYR A 78 -0.36 -26.01 6.58
C TYR A 78 -1.22 -24.79 6.90
N TYR A 79 -2.05 -24.94 7.93
CA TYR A 79 -2.92 -23.87 8.41
C TYR A 79 -2.15 -22.94 9.35
N THR A 80 -2.34 -21.63 9.15
CA THR A 80 -1.69 -20.60 9.97
C THR A 80 -2.42 -20.40 11.29
N GLY A 81 -1.93 -19.42 12.05
CA GLY A 81 -2.46 -19.15 13.37
C GLY A 81 -1.80 -19.99 14.45
N TYR A 82 -1.92 -19.53 15.70
CA TYR A 82 -1.30 -20.24 16.81
C TYR A 82 -1.95 -21.60 17.04
N SER A 83 -3.29 -21.65 16.98
CA SER A 83 -4.03 -22.89 17.07
C SER A 83 -4.20 -23.57 15.71
N ALA A 84 -3.28 -23.32 14.76
CA ALA A 84 -3.18 -24.00 13.48
C ALA A 84 -4.54 -24.29 12.84
N ASP A 85 -5.36 -23.25 12.73
CA ASP A 85 -6.67 -23.36 12.11
C ASP A 85 -6.93 -22.26 11.09
N GLY A 86 -5.91 -21.47 10.73
CA GLY A 86 -6.04 -20.42 9.77
C GLY A 86 -6.48 -19.08 10.33
N TYR A 87 -6.80 -19.01 11.61
CA TYR A 87 -7.32 -17.79 12.20
C TYR A 87 -6.30 -17.15 13.12
N ASP A 88 -6.41 -15.82 13.21
CA ASP A 88 -5.78 -14.96 14.18
C ASP A 88 -6.75 -13.79 14.40
N ARG A 89 -7.94 -14.13 14.87
CA ARG A 89 -9.07 -13.20 14.85
C ARG A 89 -8.82 -12.05 15.81
N ASP A 90 -9.29 -10.86 15.43
CA ASP A 90 -9.28 -9.70 16.30
C ASP A 90 -10.23 -8.63 15.76
N ASN A 91 -11.02 -8.05 16.66
CA ASN A 91 -11.83 -6.87 16.43
C ASN A 91 -12.55 -6.90 15.10
N GLY A 92 -13.08 -8.08 14.72
CA GLY A 92 -13.84 -8.23 13.52
C GLY A 92 -13.07 -8.74 12.32
N ALA A 93 -11.73 -8.83 12.41
CA ALA A 93 -10.93 -9.36 11.32
C ALA A 93 -10.63 -10.83 11.55
N ALA A 94 -10.49 -11.58 10.45
CA ALA A 94 -10.24 -13.01 10.53
C ALA A 94 -8.81 -13.32 10.95
N SER A 95 -7.85 -12.68 10.29
CA SER A 95 -6.45 -12.82 10.68
C SER A 95 -5.65 -11.70 10.06
N PRO A 96 -5.56 -10.54 10.71
CA PRO A 96 -4.76 -9.44 10.15
C PRO A 96 -3.33 -9.84 9.85
N THR A 97 -2.82 -10.91 10.44
CA THR A 97 -1.43 -11.25 10.17
C THR A 97 -1.30 -12.02 8.85
N ASN A 98 -2.29 -12.88 8.55
CA ASN A 98 -2.43 -13.42 7.20
C ASN A 98 -2.50 -12.28 6.18
N ASP A 99 -3.28 -11.24 6.49
CA ASP A 99 -3.47 -10.14 5.55
C ASP A 99 -2.20 -9.30 5.39
N ALA A 100 -1.31 -9.30 6.37
CA ALA A 100 -0.10 -8.52 6.17
C ALA A 100 0.86 -9.28 5.26
N LEU A 101 1.09 -10.55 5.57
CA LEU A 101 1.93 -11.40 4.72
C LEU A 101 1.48 -11.32 3.27
N TYR A 102 0.17 -11.35 3.03
CA TYR A 102 -0.29 -11.23 1.65
C TYR A 102 -0.03 -9.84 1.11
N ALA A 103 -0.42 -8.81 1.85
CA ALA A 103 -0.15 -7.44 1.45
C ALA A 103 1.32 -7.22 1.15
N GLY A 104 2.21 -7.74 2.00
CA GLY A 104 3.62 -7.54 1.76
C GLY A 104 4.06 -8.17 0.45
N TYR A 105 3.43 -9.29 0.10
CA TYR A 105 3.68 -9.99 -1.15
C TYR A 105 3.28 -9.14 -2.35
N VAL A 106 1.98 -8.86 -2.46
CA VAL A 106 1.44 -8.07 -3.58
C VAL A 106 2.30 -6.83 -3.83
N ILE A 107 2.61 -6.09 -2.77
CA ILE A 107 3.36 -4.84 -2.93
C ILE A 107 4.77 -5.12 -3.46
N LYS A 108 5.44 -6.10 -2.85
CA LYS A 108 6.78 -6.49 -3.30
C LYS A 108 6.77 -6.92 -4.77
N HIS A 109 5.69 -7.56 -5.21
CA HIS A 109 5.63 -8.11 -6.56
C HIS A 109 5.19 -7.10 -7.61
N MET A 110 4.15 -6.30 -7.31
CA MET A 110 3.75 -5.26 -8.25
C MET A 110 4.89 -4.30 -8.56
N TYR A 111 5.69 -3.97 -7.55
CA TYR A 111 6.83 -3.07 -7.78
C TYR A 111 7.92 -3.78 -8.56
N HIS A 112 8.24 -5.03 -8.19
CA HIS A 112 9.34 -5.75 -8.83
C HIS A 112 8.93 -6.38 -10.16
N ASP A 113 7.72 -6.91 -10.24
CA ASP A 113 7.42 -7.58 -11.51
C ASP A 113 6.92 -6.58 -12.53
N TRP A 114 6.04 -5.67 -12.11
CA TRP A 114 5.40 -4.77 -13.05
C TRP A 114 6.31 -3.60 -13.42
N TYR A 115 7.11 -3.11 -12.49
CA TYR A 115 7.93 -1.94 -12.74
C TYR A 115 9.41 -2.21 -12.61
N GLY A 116 9.80 -3.43 -12.24
CA GLY A 116 11.20 -3.79 -12.24
C GLY A 116 12.02 -3.17 -11.12
N VAL A 117 11.38 -2.48 -10.20
CA VAL A 117 12.06 -1.78 -9.13
C VAL A 117 11.70 -2.44 -7.81
N GLU A 118 12.51 -2.18 -6.80
CA GLU A 118 12.31 -2.73 -5.47
C GLU A 118 11.55 -1.71 -4.63
N ALA A 119 10.41 -2.14 -4.07
CA ALA A 119 9.64 -1.28 -3.19
C ALA A 119 10.49 -0.72 -2.06
N LEU A 120 11.48 -1.47 -1.60
CA LEU A 120 12.29 -1.13 -0.44
C LEU A 120 13.74 -1.58 -0.66
N THR A 121 14.70 -0.63 -0.58
CA THR A 121 16.12 -0.97 -0.69
C THR A 121 16.91 -0.41 0.47
N LYS A 122 18.09 -1.00 0.67
CA LYS A 122 19.02 -0.59 1.71
C LYS A 122 19.86 0.59 1.21
N SER A 123 20.60 1.20 2.14
CA SER A 123 21.56 2.25 1.81
C SER A 123 22.42 1.88 0.62
N ASP A 124 23.10 0.74 0.71
CA ASP A 124 24.03 0.27 -0.30
C ASP A 124 23.35 -0.31 -1.53
N GLY A 125 22.02 -0.36 -1.56
CA GLY A 125 21.29 -0.77 -2.74
C GLY A 125 20.72 -2.18 -2.67
N SER A 126 21.15 -2.99 -1.71
CA SER A 126 20.51 -4.28 -1.52
C SER A 126 19.04 -4.07 -1.16
N PRO A 127 18.14 -4.92 -1.65
CA PRO A 127 16.72 -4.81 -1.26
C PRO A 127 16.51 -4.99 0.24
N MET A 128 15.55 -4.24 0.78
CA MET A 128 15.30 -4.22 2.21
C MET A 128 14.03 -5.00 2.50
N GLN A 129 14.12 -5.93 3.46
CA GLN A 129 12.98 -6.80 3.72
C GLN A 129 11.86 -6.03 4.39
N LEU A 130 10.66 -6.27 3.90
CA LEU A 130 9.43 -5.62 4.34
C LEU A 130 8.98 -6.24 5.66
N VAL A 131 9.17 -5.52 6.76
CA VAL A 131 8.73 -5.99 8.07
C VAL A 131 7.34 -5.43 8.37
N MET A 132 6.38 -6.34 8.58
CA MET A 132 5.00 -5.96 8.91
C MET A 132 4.75 -6.22 10.39
N ARG A 133 4.60 -5.14 11.17
CA ARG A 133 4.30 -5.22 12.60
C ARG A 133 2.79 -5.09 12.79
N VAL A 134 2.15 -6.15 13.31
CA VAL A 134 0.70 -6.32 13.35
C VAL A 134 0.27 -6.41 14.80
N HIS A 135 -0.99 -6.01 15.07
CA HIS A 135 -1.59 -6.00 16.42
C HIS A 135 -0.90 -5.00 17.35
N TYR A 136 -0.43 -3.87 16.80
CA TYR A 136 0.34 -2.92 17.58
C TYR A 136 -0.56 -2.14 18.53
N GLY A 137 -0.17 -2.09 19.80
CA GLY A 137 -0.85 -1.20 20.72
C GLY A 137 -2.20 -1.72 21.17
N GLN A 138 -2.97 -0.82 21.78
CA GLN A 138 -4.28 -1.19 22.31
C GLN A 138 -5.34 -0.36 21.60
N GLY A 139 -6.19 -1.03 20.82
CA GLY A 139 -7.24 -0.33 20.10
C GLY A 139 -6.74 0.82 19.25
N TYR A 140 -5.64 0.61 18.54
CA TYR A 140 -4.94 1.68 17.84
C TYR A 140 -5.55 1.88 16.46
N GLU A 141 -5.96 3.12 16.18
CA GLU A 141 -6.70 3.43 14.96
C GLU A 141 -5.82 4.18 13.98
N ASN A 142 -4.69 3.56 13.62
CA ASN A 142 -3.75 4.11 12.66
C ASN A 142 -2.90 2.96 12.12
N ALA A 143 -2.21 3.25 11.02
CA ALA A 143 -1.11 2.43 10.56
C ALA A 143 -0.07 3.38 10.02
N TYR A 144 1.22 3.11 10.27
CA TYR A 144 2.21 4.13 9.94
C TYR A 144 3.54 3.51 9.50
N TRP A 145 4.30 4.33 8.77
CA TRP A 145 5.65 4.01 8.30
C TRP A 145 6.65 4.79 9.15
N ASP A 146 7.74 4.13 9.59
CA ASP A 146 8.67 4.76 10.53
C ASP A 146 10.10 4.72 10.03
N GLY A 147 10.31 4.74 8.73
CA GLY A 147 11.64 4.65 8.14
C GLY A 147 12.15 3.24 7.93
N LYS A 148 11.76 2.30 8.79
CA LYS A 148 12.37 0.99 8.79
C LYS A 148 11.39 -0.18 8.72
N GLN A 149 10.08 0.06 8.77
CA GLN A 149 9.14 -1.00 9.04
C GLN A 149 7.72 -0.47 8.98
N MET A 150 6.76 -1.39 8.98
N MET A 150 6.77 -1.41 9.02
CA MET A 150 5.34 -1.06 8.85
CA MET A 150 5.35 -1.14 8.88
C MET A 150 4.59 -1.49 10.10
C MET A 150 4.63 -1.50 10.16
N THR A 151 3.84 -0.55 10.67
CA THR A 151 3.07 -0.75 11.90
C THR A 151 1.59 -0.52 11.62
N PHE A 152 0.75 -1.49 12.01
CA PHE A 152 -0.70 -1.44 11.80
C PHE A 152 -1.39 -1.63 13.16
N GLY A 153 -2.32 -0.72 13.47
CA GLY A 153 -3.15 -0.91 14.64
C GLY A 153 -4.28 -1.89 14.38
N ASP A 154 -4.88 -2.38 15.46
CA ASP A 154 -6.02 -3.28 15.35
C ASP A 154 -7.34 -2.54 15.30
N GLY A 155 -7.33 -1.21 15.35
CA GLY A 155 -8.54 -0.41 15.34
C GLY A 155 -9.32 -0.53 16.64
N ASP A 156 -10.44 0.17 16.66
CA ASP A 156 -11.24 0.27 17.88
C ASP A 156 -12.71 0.32 17.51
N THR A 157 -13.34 1.46 17.78
CA THR A 157 -14.75 1.63 17.51
C THR A 157 -15.07 2.10 16.09
N MET A 158 -14.13 2.79 15.43
CA MET A 158 -14.37 3.35 14.11
C MET A 158 -13.86 2.47 12.98
N MET A 159 -12.87 1.61 13.24
CA MET A 159 -12.26 0.83 12.17
C MET A 159 -11.89 -0.55 12.67
N TYR A 160 -11.92 -1.49 11.72
CA TYR A 160 -11.37 -2.81 11.91
C TYR A 160 -9.84 -2.73 11.96
N PRO A 161 -9.14 -3.83 12.30
CA PRO A 161 -7.66 -3.81 12.21
C PRO A 161 -7.18 -3.41 10.83
N LEU A 162 -6.15 -2.56 10.79
CA LEU A 162 -5.84 -1.80 9.59
C LEU A 162 -4.87 -2.50 8.66
N VAL A 163 -4.94 -3.81 8.54
CA VAL A 163 -4.15 -4.51 7.55
C VAL A 163 -5.02 -4.79 6.33
N SER A 164 -4.67 -4.16 5.21
CA SER A 164 -5.34 -4.39 3.93
C SER A 164 -4.35 -3.99 2.84
N LEU A 165 -4.59 -4.49 1.63
CA LEU A 165 -3.70 -4.15 0.53
C LEU A 165 -3.59 -2.65 0.36
N GLY A 166 -4.74 -1.96 0.42
CA GLY A 166 -4.71 -0.52 0.24
C GLY A 166 -3.89 0.18 1.30
N VAL A 167 -4.19 -0.08 2.57
CA VAL A 167 -3.45 0.54 3.66
C VAL A 167 -1.98 0.13 3.59
N GLY A 168 -1.71 -1.15 3.40
CA GLY A 168 -0.34 -1.61 3.32
C GLY A 168 0.43 -0.97 2.18
N GLY A 169 -0.14 -0.97 0.99
CA GLY A 169 0.51 -0.30 -0.12
C GLY A 169 0.72 1.18 0.15
N HIS A 170 -0.29 1.83 0.73
CA HIS A 170 -0.16 3.24 1.09
C HIS A 170 1.07 3.47 1.95
N GLU A 171 1.09 2.85 3.14
CA GLU A 171 2.15 3.15 4.10
C GLU A 171 3.52 2.67 3.61
N VAL A 172 3.60 1.47 3.05
CA VAL A 172 4.89 0.99 2.52
C VAL A 172 5.45 1.99 1.51
N SER A 173 4.62 2.56 0.66
CA SER A 173 5.17 3.35 -0.43
C SER A 173 5.66 4.71 0.04
N HIS A 174 5.37 5.10 1.28
CA HIS A 174 6.13 6.17 1.91
C HIS A 174 7.60 5.81 2.05
N GLY A 175 7.90 4.51 2.18
CA GLY A 175 9.29 4.09 2.06
C GLY A 175 9.80 4.27 0.65
N PHE A 176 8.97 3.95 -0.35
CA PHE A 176 9.43 4.09 -1.73
C PHE A 176 9.78 5.53 -2.05
N THR A 177 9.08 6.49 -1.44
CA THR A 177 9.26 7.89 -1.79
C THR A 177 10.47 8.51 -1.09
N GLU A 178 10.79 8.13 0.15
CA GLU A 178 11.98 8.71 0.74
C GLU A 178 13.25 8.12 0.16
N GLN A 179 13.25 6.86 -0.24
CA GLN A 179 14.45 6.34 -0.87
C GLN A 179 14.53 6.68 -2.36
N HIS A 180 13.58 7.43 -2.90
CA HIS A 180 13.72 7.91 -4.27
C HIS A 180 13.49 9.41 -4.32
N SER A 181 12.29 9.86 -4.70
CA SER A 181 12.09 11.28 -4.93
C SER A 181 12.37 12.10 -3.68
N GLY A 182 12.00 11.59 -2.52
CA GLY A 182 12.18 12.33 -1.29
C GLY A 182 11.16 13.43 -1.07
N LEU A 183 10.05 13.41 -1.80
CA LEU A 183 8.94 14.35 -1.68
C LEU A 183 8.72 14.70 -0.22
N GLU A 184 9.03 15.95 0.14
CA GLU A 184 8.92 16.39 1.51
C GLU A 184 7.47 16.36 1.96
N TYR A 185 7.27 16.12 3.26
CA TYR A 185 5.94 15.89 3.80
C TYR A 185 5.28 17.19 4.29
N PHE A 186 5.19 18.15 3.38
CA PHE A 186 4.55 19.43 3.64
C PHE A 186 4.40 20.14 2.32
N GLY A 187 3.49 21.12 2.27
CA GLY A 187 3.34 21.91 1.06
C GLY A 187 2.78 21.08 -0.09
N GLN A 188 3.09 21.52 -1.31
CA GLN A 188 2.67 20.79 -2.51
C GLN A 188 3.28 19.40 -2.57
N SER A 189 4.59 19.31 -2.38
CA SER A 189 5.25 18.01 -2.44
C SER A 189 4.65 17.03 -1.42
N GLY A 190 4.23 17.55 -0.26
CA GLY A 190 3.62 16.70 0.75
C GLY A 190 2.30 16.12 0.28
N GLY A 191 1.53 16.90 -0.49
CA GLY A 191 0.34 16.36 -1.14
C GLY A 191 0.71 15.31 -2.17
N MET A 192 1.73 15.60 -2.97
CA MET A 192 2.20 14.62 -3.95
C MET A 192 2.67 13.34 -3.26
N ASN A 193 3.35 13.48 -2.12
CA ASN A 193 3.76 12.32 -1.35
C ASN A 193 2.54 11.52 -0.92
N GLU A 194 1.67 12.13 -0.11
CA GLU A 194 0.42 11.49 0.28
C GLU A 194 -0.30 10.88 -0.92
N SER A 195 -0.33 11.61 -2.05
CA SER A 195 -0.99 11.12 -3.26
C SER A 195 -0.35 9.82 -3.77
N PHE A 196 0.98 9.83 -3.93
CA PHE A 196 1.66 8.64 -4.43
C PHE A 196 1.26 7.42 -3.63
N SER A 197 1.18 7.54 -2.30
CA SER A 197 0.78 6.39 -1.51
C SER A 197 -0.66 5.98 -1.82
N ASP A 198 -1.54 6.93 -2.13
CA ASP A 198 -2.91 6.54 -2.47
C ASP A 198 -2.96 5.84 -3.82
N MET A 199 -2.09 6.23 -4.75
CA MET A 199 -1.99 5.52 -6.02
C MET A 199 -1.49 4.10 -5.81
N ALA A 200 -0.41 3.95 -5.03
CA ALA A 200 0.13 2.62 -4.75
C ALA A 200 -0.91 1.75 -4.08
N ALA A 201 -1.74 2.35 -3.21
CA ALA A 201 -2.89 1.66 -2.65
C ALA A 201 -3.82 1.12 -3.74
N GLN A 202 -4.09 1.92 -4.78
CA GLN A 202 -4.92 1.38 -5.86
C GLN A 202 -4.19 0.29 -6.63
N ALA A 203 -2.89 0.49 -6.88
CA ALA A 203 -2.14 -0.46 -7.69
C ALA A 203 -2.04 -1.81 -7.01
N ALA A 204 -2.04 -1.82 -5.68
CA ALA A 204 -2.03 -3.09 -4.97
C ALA A 204 -3.36 -3.82 -5.13
N GLU A 205 -4.48 -3.11 -5.04
CA GLU A 205 -5.77 -3.76 -5.26
C GLU A 205 -5.89 -4.26 -6.69
N TYR A 206 -5.23 -3.60 -7.64
CA TYR A 206 -5.29 -4.02 -9.04
C TYR A 206 -4.44 -5.26 -9.29
N TYR A 207 -3.21 -5.29 -8.80
CA TYR A 207 -2.42 -6.51 -8.86
C TYR A 207 -3.22 -7.69 -8.31
N SER A 208 -4.01 -7.45 -7.26
CA SER A 208 -4.69 -8.54 -6.59
C SER A 208 -5.87 -9.07 -7.39
N VAL A 209 -6.88 -8.23 -7.63
CA VAL A 209 -8.16 -8.71 -8.13
C VAL A 209 -8.54 -8.10 -9.48
N GLY A 210 -7.67 -7.30 -10.07
CA GLY A 210 -7.97 -6.80 -11.40
C GLY A 210 -8.90 -5.61 -11.47
N LYS A 211 -9.31 -5.04 -10.34
CA LYS A 211 -10.06 -3.79 -10.32
C LYS A 211 -9.84 -3.15 -8.96
N ASN A 212 -10.12 -1.84 -8.86
CA ASN A 212 -9.75 -1.13 -7.64
C ASN A 212 -10.83 -0.16 -7.20
N SER A 213 -10.72 0.21 -5.91
CA SER A 213 -11.74 0.98 -5.19
C SER A 213 -11.96 2.36 -5.82
N TRP A 214 -10.87 3.03 -6.17
CA TRP A 214 -10.82 4.49 -6.33
C TRP A 214 -11.23 5.23 -5.07
N GLN A 215 -11.13 4.57 -3.92
CA GLN A 215 -11.35 5.12 -2.59
C GLN A 215 -10.16 4.73 -1.72
N ILE A 216 -10.19 5.12 -0.44
CA ILE A 216 -9.07 4.88 0.46
C ILE A 216 -9.60 4.52 1.84
N GLY A 217 -9.41 3.26 2.22
CA GLY A 217 -9.81 2.78 3.52
C GLY A 217 -11.23 2.29 3.69
N PRO A 218 -12.04 2.19 2.63
CA PRO A 218 -13.42 1.76 2.89
C PRO A 218 -13.47 0.38 3.49
N GLU A 219 -12.47 -0.44 3.20
CA GLU A 219 -12.47 -1.81 3.66
C GLU A 219 -12.20 -1.92 5.15
N ILE A 220 -11.61 -0.90 5.77
CA ILE A 220 -11.32 -0.96 7.20
C ILE A 220 -12.32 -0.16 8.03
N MET A 221 -13.18 0.64 7.42
CA MET A 221 -14.13 1.44 8.18
C MET A 221 -15.28 0.57 8.66
N LYS A 222 -15.52 0.54 9.98
CA LYS A 222 -16.63 -0.23 10.52
C LYS A 222 -17.91 0.09 9.76
N GLU A 223 -18.73 -0.93 9.48
CA GLU A 223 -19.92 -0.66 8.68
C GLU A 223 -20.96 0.13 9.45
N ASP A 224 -20.95 0.07 10.78
CA ASP A 224 -21.71 1.01 11.61
C ASP A 224 -20.76 1.98 12.30
N SER A 225 -20.11 2.80 11.47
CA SER A 225 -19.29 3.92 11.93
C SER A 225 -19.64 5.21 11.19
N GLY A 226 -20.73 5.20 10.42
CA GLY A 226 -21.16 6.37 9.68
C GLY A 226 -20.35 6.65 8.42
N TYR A 227 -19.03 6.70 8.56
CA TYR A 227 -18.14 6.92 7.43
C TYR A 227 -18.00 5.63 6.60
N ASP A 228 -17.86 5.81 5.28
CA ASP A 228 -17.68 4.68 4.38
C ASP A 228 -16.33 4.64 3.70
N ALA A 229 -15.60 5.76 3.66
CA ALA A 229 -14.31 5.83 2.99
C ALA A 229 -13.59 7.09 3.44
N LEU A 230 -12.28 6.98 3.66
CA LEU A 230 -11.50 8.16 4.03
C LEU A 230 -11.40 9.14 2.88
N ARG A 231 -11.02 8.66 1.69
CA ARG A 231 -10.90 9.55 0.55
C ARG A 231 -11.50 8.90 -0.69
N TYR A 232 -11.98 9.76 -1.58
CA TYR A 232 -12.41 9.36 -2.90
C TYR A 232 -11.45 10.01 -3.89
N MET A 233 -10.86 9.21 -4.76
CA MET A 233 -9.89 9.75 -5.71
C MET A 233 -10.51 10.19 -7.02
N ASP A 234 -11.73 9.76 -7.31
CA ASP A 234 -12.37 10.19 -8.55
C ASP A 234 -12.90 11.60 -8.40
N LYS A 235 -13.29 11.98 -7.19
CA LYS A 235 -13.66 13.36 -6.86
C LYS A 235 -13.32 13.56 -5.40
N PRO A 236 -12.09 14.00 -5.09
CA PRO A 236 -11.68 14.09 -3.69
C PRO A 236 -12.59 14.96 -2.87
N SER A 237 -13.08 16.07 -3.45
CA SER A 237 -13.80 17.08 -2.68
C SER A 237 -15.14 16.54 -2.20
N ARG A 238 -15.44 15.29 -2.59
CA ARG A 238 -16.57 14.59 -2.00
C ARG A 238 -16.45 14.51 -0.49
N ASP A 239 -15.22 14.40 0.04
CA ASP A 239 -14.99 14.28 1.48
C ASP A 239 -15.19 15.58 2.23
N GLY A 240 -15.48 16.69 1.56
CA GLY A 240 -15.76 17.94 2.22
C GLY A 240 -14.61 18.92 2.27
N MET A 241 -13.36 18.46 2.14
CA MET A 241 -12.20 19.34 2.33
C MET A 241 -11.08 19.15 1.32
N SER A 242 -10.86 17.96 0.76
CA SER A 242 -9.81 17.79 -0.23
C SER A 242 -10.15 18.53 -1.52
N ILE A 243 -9.09 18.98 -2.21
CA ILE A 243 -9.28 19.80 -3.41
C ILE A 243 -9.11 18.95 -4.66
N ASP A 244 -9.83 19.35 -5.72
CA ASP A 244 -9.85 18.62 -6.98
C ASP A 244 -8.85 19.14 -7.99
N VAL A 245 -8.55 20.44 -7.99
CA VAL A 245 -7.67 21.00 -8.99
C VAL A 245 -6.55 21.80 -8.31
N ALA A 246 -5.49 22.08 -9.07
CA ALA A 246 -4.30 22.69 -8.51
C ALA A 246 -4.55 24.13 -8.06
N ASP A 247 -5.46 24.83 -8.75
CA ASP A 247 -5.73 26.24 -8.47
C ASP A 247 -6.43 26.44 -7.14
N ASP A 248 -6.97 25.38 -6.56
CA ASP A 248 -7.65 25.49 -5.27
C ASP A 248 -6.68 25.40 -4.09
N TYR A 249 -5.40 25.13 -4.35
CA TYR A 249 -4.39 25.06 -3.29
C TYR A 249 -4.34 26.35 -2.49
N TYR A 250 -4.01 26.21 -1.21
CA TYR A 250 -3.63 27.28 -0.30
C TYR A 250 -2.69 26.65 0.71
N GLY A 251 -1.69 27.40 1.15
CA GLY A 251 -0.58 26.82 1.88
C GLY A 251 -0.99 26.09 3.16
N GLY A 252 -2.20 26.30 3.64
CA GLY A 252 -2.61 25.69 4.88
C GLY A 252 -3.30 24.35 4.76
N LEU A 253 -3.32 23.74 3.59
CA LEU A 253 -3.89 22.40 3.45
C LEU A 253 -3.00 21.38 4.15
N ASP A 254 -3.60 20.49 4.93
CA ASP A 254 -2.88 19.31 5.37
C ASP A 254 -2.70 18.36 4.18
N VAL A 255 -1.65 17.55 4.26
CA VAL A 255 -1.23 16.78 3.09
C VAL A 255 -2.31 15.77 2.69
N HIS A 256 -3.10 15.26 3.65
CA HIS A 256 -4.20 14.35 3.34
C HIS A 256 -5.37 15.03 2.62
N TYR A 257 -5.27 16.32 2.31
CA TYR A 257 -6.36 17.05 1.65
C TYR A 257 -5.85 17.83 0.45
N SER A 258 -4.57 18.20 0.46
CA SER A 258 -3.95 18.56 -0.80
C SER A 258 -3.60 17.34 -1.62
N SER A 259 -3.76 16.13 -1.07
CA SER A 259 -3.52 14.95 -1.89
C SER A 259 -4.54 14.80 -2.98
N GLY A 260 -5.66 15.50 -2.87
CA GLY A 260 -6.72 15.38 -3.84
C GLY A 260 -6.29 15.68 -5.27
N VAL A 261 -5.38 16.63 -5.44
CA VAL A 261 -4.96 17.06 -6.78
C VAL A 261 -4.41 15.85 -7.54
N TYR A 262 -3.27 15.33 -7.08
CA TYR A 262 -2.64 14.27 -7.84
C TYR A 262 -3.45 12.97 -7.79
N ASN A 263 -4.20 12.74 -6.71
CA ASN A 263 -5.14 11.63 -6.71
C ASN A 263 -6.16 11.78 -7.83
N HIS A 264 -6.69 12.99 -8.02
CA HIS A 264 -7.58 13.23 -9.15
C HIS A 264 -6.84 12.99 -10.47
N LEU A 265 -5.64 13.56 -10.59
CA LEU A 265 -4.84 13.38 -11.79
C LEU A 265 -4.70 11.90 -12.14
N PHE A 266 -4.34 11.09 -11.15
CA PHE A 266 -4.11 9.67 -11.38
C PHE A 266 -5.40 8.99 -11.88
N TYR A 267 -6.52 9.25 -11.21
CA TYR A 267 -7.80 8.72 -11.68
C TYR A 267 -8.07 9.15 -13.12
N ILE A 268 -7.77 10.40 -13.45
CA ILE A 268 -8.04 10.91 -14.79
C ILE A 268 -7.14 10.23 -15.81
N LEU A 269 -5.87 10.03 -15.47
CA LEU A 269 -4.92 9.42 -16.41
C LEU A 269 -5.29 7.97 -16.70
N ALA A 270 -5.48 7.17 -15.64
CA ALA A 270 -5.73 5.75 -15.83
C ALA A 270 -7.10 5.48 -16.44
N ASN A 271 -7.97 6.47 -16.48
CA ASN A 271 -9.25 6.34 -17.15
C ASN A 271 -9.22 6.90 -18.57
N GLN A 272 -8.08 7.38 -19.04
CA GLN A 272 -7.99 7.82 -20.42
C GLN A 272 -8.16 6.63 -21.36
N PRO A 273 -8.67 6.86 -22.57
CA PRO A 273 -8.64 5.81 -23.58
C PRO A 273 -7.26 5.16 -23.70
N ASN A 274 -7.27 3.86 -24.01
CA ASN A 274 -6.10 2.97 -24.04
C ASN A 274 -5.13 3.19 -22.89
N TRP A 275 -5.65 3.55 -21.72
CA TRP A 275 -4.88 3.57 -20.48
C TRP A 275 -5.50 2.60 -19.49
N ASN A 276 -4.67 2.01 -18.63
CA ASN A 276 -5.15 1.31 -17.46
C ASN A 276 -4.39 1.81 -16.24
N LEU A 277 -4.70 1.24 -15.09
CA LEU A 277 -4.00 1.64 -13.86
C LEU A 277 -2.51 1.34 -13.95
N ARG A 278 -2.14 0.16 -14.46
N ARG A 278 -2.15 0.17 -14.48
CA ARG A 278 -0.73 -0.22 -14.48
CA ARG A 278 -0.75 -0.24 -14.51
C ARG A 278 0.10 0.75 -15.30
C ARG A 278 0.10 0.72 -15.33
N MET A 279 -0.46 1.24 -16.42
CA MET A 279 0.27 2.21 -17.24
C MET A 279 0.44 3.52 -16.47
N ALA A 280 -0.65 4.05 -15.94
CA ALA A 280 -0.61 5.32 -15.23
C ALA A 280 0.30 5.25 -14.01
N PHE A 281 0.27 4.14 -13.26
CA PHE A 281 1.17 4.06 -12.11
C PHE A 281 2.62 3.85 -12.56
N ASP A 282 2.82 3.23 -13.72
CA ASP A 282 4.18 3.10 -14.24
C ASP A 282 4.83 4.47 -14.42
N VAL A 283 4.08 5.44 -14.96
CA VAL A 283 4.59 6.80 -15.10
C VAL A 283 4.95 7.38 -13.73
N MET A 284 4.09 7.17 -12.73
CA MET A 284 4.33 7.77 -11.43
C MET A 284 5.50 7.11 -10.73
N VAL A 285 5.61 5.78 -10.82
CA VAL A 285 6.76 5.11 -10.21
C VAL A 285 8.05 5.62 -10.82
N LYS A 286 8.05 5.84 -12.13
CA LYS A 286 9.27 6.31 -12.79
C LYS A 286 9.53 7.78 -12.50
N ALA A 287 8.48 8.62 -12.46
CA ALA A 287 8.68 10.03 -12.15
C ALA A 287 9.19 10.19 -10.72
N ASN A 288 8.56 9.49 -9.79
CA ASN A 288 9.08 9.38 -8.43
C ASN A 288 10.51 8.87 -8.44
N MET A 289 10.84 8.00 -9.38
CA MET A 289 12.15 7.33 -9.34
C MET A 289 13.26 8.20 -9.87
N ASP A 290 12.99 8.97 -10.92
CA ASP A 290 14.05 9.63 -11.67
C ASP A 290 13.94 11.14 -11.80
N TYR A 291 12.77 11.75 -11.57
CA TYR A 291 12.62 13.17 -11.90
C TYR A 291 12.08 14.03 -10.77
N TRP A 292 11.20 13.49 -9.93
CA TRP A 292 10.58 14.32 -8.90
C TRP A 292 11.63 14.78 -7.90
N THR A 293 11.47 16.06 -7.44
CA THR A 293 12.36 16.68 -6.47
C THR A 293 11.70 16.72 -5.09
N PRO A 294 12.49 16.74 -4.02
CA PRO A 294 11.89 16.75 -2.67
C PRO A 294 11.04 17.98 -2.40
N TYR A 295 11.38 19.11 -3.00
CA TYR A 295 10.69 20.37 -2.83
C TYR A 295 9.70 20.63 -3.96
N SER A 296 9.29 19.58 -4.67
CA SER A 296 8.59 19.73 -5.94
C SER A 296 7.28 20.50 -5.75
N THR A 297 7.00 21.42 -6.68
CA THR A 297 5.67 21.96 -6.80
C THR A 297 4.83 21.07 -7.70
N PHE A 298 3.51 21.23 -7.57
CA PHE A 298 2.57 20.53 -8.44
C PHE A 298 2.96 20.66 -9.92
N ASP A 299 3.40 21.85 -10.34
CA ASP A 299 3.77 22.02 -11.74
C ASP A 299 5.06 21.29 -12.08
N GLU A 300 6.02 21.29 -11.16
CA GLU A 300 7.25 20.55 -11.42
C GLU A 300 6.97 19.05 -11.51
N GLY A 301 5.95 18.56 -10.79
CA GLY A 301 5.63 17.15 -10.87
C GLY A 301 5.16 16.75 -12.24
N GLY A 302 4.35 17.62 -12.88
CA GLY A 302 3.91 17.37 -14.24
C GLY A 302 5.06 17.24 -15.22
N CYS A 303 6.13 18.03 -15.01
CA CYS A 303 7.33 17.86 -15.82
C CYS A 303 7.97 16.49 -15.56
N GLY A 304 8.07 16.09 -14.29
CA GLY A 304 8.65 14.79 -14.01
C GLY A 304 7.90 13.66 -14.68
N MET A 305 6.57 13.73 -14.65
CA MET A 305 5.72 12.74 -15.31
C MET A 305 5.97 12.70 -16.81
N LEU A 306 5.93 13.86 -17.47
CA LEU A 306 6.16 13.93 -18.90
C LEU A 306 7.54 13.42 -19.28
N SER A 307 8.56 13.79 -18.49
CA SER A 307 9.89 13.26 -18.72
C SER A 307 9.95 11.75 -18.52
N ALA A 308 9.22 11.22 -17.54
CA ALA A 308 9.21 9.78 -17.33
C ALA A 308 8.53 9.06 -18.50
N ALA A 309 7.35 9.55 -18.90
CA ALA A 309 6.63 8.93 -20.01
C ALA A 309 7.47 8.91 -21.28
N LYS A 310 8.28 9.95 -21.49
CA LYS A 310 9.22 9.96 -22.61
C LYS A 310 10.21 8.81 -22.48
N ASP A 311 10.69 8.56 -21.26
CA ASP A 311 11.62 7.46 -21.02
C ASP A 311 10.98 6.10 -21.24
N LEU A 312 9.68 5.94 -20.95
CA LEU A 312 9.00 4.66 -21.11
C LEU A 312 8.23 4.55 -22.41
N GLY A 313 8.03 5.64 -23.13
CA GLY A 313 7.36 5.61 -24.42
C GLY A 313 5.86 5.85 -24.40
N TYR A 314 5.29 6.24 -23.26
CA TYR A 314 3.84 6.43 -23.20
C TYR A 314 3.45 7.67 -24.01
N ASN A 315 2.13 7.82 -24.23
CA ASN A 315 1.62 8.92 -25.04
C ASN A 315 1.66 10.20 -24.21
N LEU A 316 2.38 11.22 -24.70
CA LEU A 316 2.56 12.44 -23.92
C LEU A 316 1.30 13.30 -23.92
N ASP A 317 0.47 13.20 -24.95
CA ASP A 317 -0.70 14.05 -25.01
C ASP A 317 -1.84 13.51 -24.17
N ASP A 318 -1.87 12.22 -23.86
CA ASP A 318 -2.76 11.75 -22.81
C ASP A 318 -2.36 12.34 -21.47
N ILE A 319 -1.05 12.40 -21.20
CA ILE A 319 -0.55 12.98 -19.96
C ILE A 319 -0.97 14.43 -19.84
N LYS A 320 -0.85 15.19 -20.93
CA LYS A 320 -1.03 16.64 -20.85
C LYS A 320 -2.48 17.01 -20.61
N LYS A 321 -3.40 16.46 -21.41
CA LYS A 321 -4.83 16.66 -21.19
C LYS A 321 -5.20 16.43 -19.73
N SER A 322 -4.66 15.35 -19.16
CA SER A 322 -4.93 15.03 -17.76
C SER A 322 -4.36 16.11 -16.83
N LEU A 323 -3.07 16.44 -16.99
CA LEU A 323 -2.49 17.55 -16.24
C LEU A 323 -3.33 18.80 -16.40
N SER A 324 -3.78 19.06 -17.63
CA SER A 324 -4.56 20.25 -17.92
C SER A 324 -5.91 20.22 -17.20
N GLU A 325 -6.45 19.02 -16.98
CA GLU A 325 -7.73 18.91 -16.29
C GLU A 325 -7.60 19.17 -14.80
N VAL A 326 -6.43 18.93 -14.21
CA VAL A 326 -6.20 19.29 -12.81
C VAL A 326 -5.57 20.68 -12.70
N THR A 327 -5.66 21.50 -13.75
CA THR A 327 -5.18 22.89 -13.79
C THR A 327 -3.69 23.03 -13.48
N ILE A 328 -2.93 21.97 -13.64
CA ILE A 328 -1.48 22.05 -13.65
C ILE A 328 -1.02 22.47 -15.05
N ASN A 329 -0.04 23.35 -15.14
CA ASN A 329 0.52 23.73 -16.44
C ASN A 329 2.01 23.39 -16.49
N TYR A 330 2.42 22.82 -17.59
CA TYR A 330 3.73 22.21 -17.80
C TYR A 330 4.57 23.02 -18.79
N GLN A 331 4.30 24.32 -18.88
CA GLN A 331 4.84 25.13 -19.98
C GLN A 331 6.35 25.29 -19.89
N SER A 332 6.91 25.24 -18.69
CA SER A 332 8.28 25.70 -18.47
C SER A 332 9.27 24.56 -18.31
N CYS A 333 8.84 23.33 -18.56
CA CYS A 333 9.68 22.19 -18.25
C CYS A 333 10.86 22.07 -19.20
ZN ZN B . 0.24 8.55 4.15
#